data_3OM8
#
_entry.id   3OM8
#
_cell.length_a   91.529
_cell.length_b   91.529
_cell.length_c   283.745
_cell.angle_alpha   90.00
_cell.angle_beta   90.00
_cell.angle_gamma   90.00
#
_symmetry.space_group_name_H-M   'P 41 21 2'
#
loop_
_entity.id
_entity.type
_entity.pdbx_description
1 polymer 'Probable hydrolase'
2 non-polymer '2-(N-MORPHOLINO)-ETHANESULFONIC ACID'
3 non-polymer 1,2-ETHANEDIOL
4 water water
#
_entity_poly.entity_id   1
_entity_poly.type   'polypeptide(L)'
_entity_poly.pdbx_seq_one_letter_code
;SNAGNLSFLATSDGASLAYRLDGAAEKPLLALSNSIGTTLH(MSE)WDAQLPALTRHFRVLRYDARGHGASSVPPGPYTL
ARLGEDVLELLDALEVRRAHFLGLSLGGIVGQWLALHAPQRIERLVLANTSAWLGPAAQWDERIAAVLQAED(MSE)SET
AAGFLGNWFPPALLERAEPVVERFRA(MSE)L(MSE)ATNRHGLAGSFAAVRDTDLRAQLARIERPTLVIAGAYDTVTAA
SHGELIAASIAGARLVTLPAVHLSNVEFPQAFEGAVLSFLGA
;
_entity_poly.pdbx_strand_id   A,B
#
# COMPACT_ATOMS: atom_id res chain seq x y z
N ALA A 3 -16.70 -19.86 34.89
CA ALA A 3 -17.95 -20.57 34.72
C ALA A 3 -18.68 -20.13 33.45
N GLY A 4 -19.32 -18.98 33.50
CA GLY A 4 -20.05 -18.47 32.35
C GLY A 4 -19.16 -17.66 31.41
N ASN A 5 -17.87 -17.95 31.44
CA ASN A 5 -16.88 -17.20 30.66
C ASN A 5 -17.10 -17.26 29.15
N LEU A 6 -17.57 -18.40 28.66
CA LEU A 6 -17.66 -18.62 27.22
C LEU A 6 -18.85 -19.46 26.84
N SER A 7 -19.30 -19.25 25.60
CA SER A 7 -20.28 -20.11 24.97
C SER A 7 -19.63 -20.68 23.72
N PHE A 8 -20.18 -21.77 23.19
CA PHE A 8 -19.60 -22.42 22.03
C PHE A 8 -20.62 -22.67 20.94
N LEU A 9 -20.24 -22.38 19.70
CA LEU A 9 -21.15 -22.56 18.56
C LEU A 9 -20.67 -23.71 17.70
N ALA A 10 -21.52 -24.70 17.52
CA ALA A 10 -21.19 -25.78 16.59
C ALA A 10 -21.55 -25.30 15.19
N THR A 11 -20.54 -25.10 14.35
CA THR A 11 -20.77 -24.59 13.00
C THR A 11 -21.32 -25.68 12.09
N SER A 12 -21.74 -25.27 10.90
CA SER A 12 -22.43 -26.18 10.01
C SER A 12 -21.50 -27.21 9.38
N ASP A 13 -20.19 -26.92 9.38
CA ASP A 13 -19.22 -27.82 8.74
C ASP A 13 -18.41 -28.61 9.76
N GLY A 14 -18.75 -28.46 11.04
CA GLY A 14 -18.23 -29.35 12.06
C GLY A 14 -17.17 -28.78 12.99
N ALA A 15 -16.98 -27.48 12.97
CA ALA A 15 -16.04 -26.86 13.91
C ALA A 15 -16.80 -26.35 15.14
N SER A 16 -16.09 -25.70 16.05
CA SER A 16 -16.69 -25.19 17.27
C SER A 16 -16.09 -23.83 17.60
N LEU A 17 -16.93 -22.79 17.61
CA LEU A 17 -16.45 -21.43 17.83
C LEU A 17 -16.77 -20.92 19.24
N ALA A 18 -15.75 -20.38 19.91
CA ALA A 18 -15.95 -19.77 21.22
C ALA A 18 -16.33 -18.30 21.07
N TYR A 19 -17.33 -17.86 21.82
CA TYR A 19 -17.75 -16.47 21.79
C TYR A 19 -18.26 -16.03 23.15
N ARG A 20 -18.28 -14.71 23.38
CA ARG A 20 -18.92 -14.17 24.56
C ARG A 20 -19.56 -12.80 24.32
N LEU A 21 -20.53 -12.45 25.15
CA LEU A 21 -21.23 -11.19 25.02
C LEU A 21 -20.97 -10.31 26.23
N ASP A 22 -20.73 -9.02 25.98
CA ASP A 22 -20.56 -8.05 27.07
C ASP A 22 -21.44 -6.81 26.90
N GLY A 23 -21.95 -6.30 28.02
CA GLY A 23 -22.77 -5.11 28.01
C GLY A 23 -24.25 -5.44 28.10
N ALA A 24 -25.08 -4.40 28.24
CA ALA A 24 -26.51 -4.58 28.45
C ALA A 24 -27.21 -5.23 27.25
N ALA A 25 -28.05 -6.22 27.52
CA ALA A 25 -28.76 -6.96 26.47
C ALA A 25 -29.58 -6.10 25.49
N GLU A 26 -30.11 -4.97 25.96
CA GLU A 26 -31.02 -4.18 25.15
C GLU A 26 -30.34 -3.21 24.19
N LYS A 27 -29.04 -2.98 24.40
CA LYS A 27 -28.27 -2.10 23.54
C LYS A 27 -27.97 -2.76 22.19
N PRO A 28 -27.72 -1.96 21.15
CA PRO A 28 -27.47 -2.45 19.80
C PRO A 28 -26.21 -3.28 19.72
N LEU A 29 -26.22 -4.31 18.89
CA LEU A 29 -25.11 -5.25 18.83
C LEU A 29 -23.96 -4.75 17.97
N LEU A 30 -22.76 -4.78 18.55
CA LEU A 30 -21.53 -4.51 17.82
C LEU A 30 -20.68 -5.77 17.89
N ALA A 31 -20.35 -6.33 16.73
CA ALA A 31 -19.57 -7.55 16.65
C ALA A 31 -18.13 -7.21 16.29
N LEU A 32 -17.18 -7.80 17.00
CA LEU A 32 -15.77 -7.61 16.72
C LEU A 32 -15.12 -8.88 16.16
N SER A 33 -14.19 -8.72 15.23
CA SER A 33 -13.47 -9.85 14.66
C SER A 33 -11.98 -9.56 14.72
N ASN A 34 -11.21 -10.61 15.02
CA ASN A 34 -9.82 -10.47 15.47
C ASN A 34 -8.76 -10.51 14.39
N SER A 35 -7.58 -10.01 14.75
CA SER A 35 -6.38 -10.23 13.96
C SER A 35 -6.04 -11.72 13.91
N ILE A 36 -5.33 -12.13 12.88
CA ILE A 36 -4.76 -13.46 12.82
C ILE A 36 -3.81 -13.57 14.02
N GLY A 37 -3.77 -14.74 14.64
CA GLY A 37 -2.82 -15.00 15.71
C GLY A 37 -3.17 -14.42 17.07
N THR A 38 -4.38 -13.88 17.22
CA THR A 38 -4.78 -13.30 18.50
C THR A 38 -6.05 -13.97 19.01
N THR A 39 -6.46 -13.63 20.23
CA THR A 39 -7.77 -14.03 20.74
C THR A 39 -8.67 -12.82 21.01
N LEU A 40 -9.91 -13.09 21.40
CA LEU A 40 -10.87 -12.02 21.65
C LEU A 40 -10.42 -11.12 22.80
N HIS A 41 -9.39 -11.55 23.51
CA HIS A 41 -8.85 -10.74 24.61
C HIS A 41 -8.02 -9.57 24.12
N TRP A 43 -9.22 -7.26 22.68
CA TRP A 43 -10.16 -6.15 22.80
C TRP A 43 -10.51 -5.79 24.25
N ASP A 44 -9.95 -6.53 25.21
CA ASP A 44 -10.28 -6.32 26.63
C ASP A 44 -10.34 -4.84 27.05
N ALA A 45 -9.40 -4.04 26.54
CA ALA A 45 -9.26 -2.67 27.00
C ALA A 45 -10.35 -1.76 26.41
N GLN A 46 -10.90 -2.12 25.25
CA GLN A 46 -11.96 -1.36 24.60
C GLN A 46 -13.32 -1.62 25.23
N LEU A 47 -13.42 -2.60 26.11
CA LEU A 47 -14.71 -3.04 26.62
C LEU A 47 -15.48 -1.99 27.43
N PRO A 48 -14.79 -1.27 28.34
CA PRO A 48 -15.52 -0.26 29.12
C PRO A 48 -16.18 0.81 28.26
N ALA A 49 -15.44 1.41 27.34
CA ALA A 49 -16.01 2.46 26.50
C ALA A 49 -17.09 1.93 25.54
N LEU A 50 -16.86 0.77 24.94
CA LEU A 50 -17.80 0.21 23.97
C LEU A 50 -19.12 -0.24 24.59
N THR A 51 -19.07 -0.84 25.77
CA THR A 51 -20.28 -1.39 26.39
C THR A 51 -21.13 -0.30 27.02
N ARG A 52 -20.59 0.92 27.04
CA ARG A 52 -21.35 2.09 27.45
C ARG A 52 -22.48 2.34 26.46
N HIS A 53 -22.27 1.92 25.21
CA HIS A 53 -23.19 2.25 24.14
C HIS A 53 -23.74 1.05 23.37
N PHE A 54 -22.98 -0.05 23.35
CA PHE A 54 -23.38 -1.22 22.59
C PHE A 54 -23.26 -2.53 23.36
N ARG A 55 -24.01 -3.53 22.91
CA ARG A 55 -23.77 -4.88 23.36
C ARG A 55 -22.72 -5.46 22.44
N VAL A 56 -21.65 -5.97 23.04
CA VAL A 56 -20.47 -6.36 22.28
C VAL A 56 -20.37 -7.87 22.14
N LEU A 57 -20.39 -8.33 20.90
CA LEU A 57 -20.18 -9.74 20.61
C LEU A 57 -18.73 -9.93 20.20
N ARG A 58 -18.01 -10.78 20.95
CA ARG A 58 -16.63 -11.15 20.60
C ARG A 58 -16.52 -12.66 20.40
N TYR A 59 -15.54 -13.08 19.59
CA TYR A 59 -15.35 -14.51 19.34
C TYR A 59 -13.92 -14.79 18.92
N ASP A 60 -13.46 -16.01 19.19
CA ASP A 60 -12.18 -16.47 18.68
C ASP A 60 -12.39 -17.03 17.29
N ALA A 61 -11.63 -16.53 16.34
CA ALA A 61 -11.82 -16.94 14.96
C ALA A 61 -11.52 -18.41 14.82
N ARG A 62 -12.10 -19.03 13.81
CA ARG A 62 -11.77 -20.38 13.38
C ARG A 62 -10.25 -20.63 13.51
N GLY A 63 -9.87 -21.69 14.22
CA GLY A 63 -8.47 -22.06 14.33
C GLY A 63 -7.67 -21.31 15.38
N HIS A 64 -8.35 -20.45 16.15
CA HIS A 64 -7.71 -19.59 17.14
C HIS A 64 -8.27 -19.76 18.56
N GLY A 65 -7.43 -19.44 19.54
CA GLY A 65 -7.87 -19.27 20.91
C GLY A 65 -8.68 -20.43 21.46
N ALA A 66 -9.87 -20.11 21.94
CA ALA A 66 -10.72 -21.11 22.59
C ALA A 66 -11.57 -21.85 21.56
N SER A 67 -11.38 -21.51 20.29
CA SER A 67 -12.11 -22.17 19.21
C SER A 67 -11.39 -23.43 18.74
N SER A 68 -12.13 -24.32 18.07
CA SER A 68 -11.52 -25.53 17.53
C SER A 68 -10.67 -25.19 16.29
N VAL A 69 -9.91 -26.16 15.79
CA VAL A 69 -8.95 -25.92 14.71
C VAL A 69 -9.06 -26.91 13.56
N PRO A 70 -9.94 -26.63 12.59
CA PRO A 70 -9.99 -27.41 11.36
C PRO A 70 -8.65 -27.30 10.66
N PRO A 71 -8.32 -28.25 9.78
CA PRO A 71 -7.07 -28.10 9.03
C PRO A 71 -7.25 -27.00 7.99
N GLY A 72 -6.14 -26.47 7.47
CA GLY A 72 -6.20 -25.53 6.36
C GLY A 72 -6.45 -26.27 5.06
N PRO A 73 -6.75 -25.53 3.97
CA PRO A 73 -6.90 -24.07 3.93
C PRO A 73 -8.29 -23.64 4.36
N TYR A 74 -8.41 -22.42 4.91
CA TYR A 74 -9.71 -21.81 5.12
C TYR A 74 -10.04 -20.86 3.95
N THR A 75 -11.29 -20.83 3.53
CA THR A 75 -11.70 -19.79 2.56
C THR A 75 -12.19 -18.56 3.30
N LEU A 76 -12.09 -17.38 2.67
CA LEU A 76 -12.65 -16.16 3.26
C LEU A 76 -14.14 -16.35 3.49
N ALA A 77 -14.81 -16.96 2.52
CA ALA A 77 -16.24 -17.23 2.64
C ALA A 77 -16.60 -17.97 3.94
N ARG A 78 -15.80 -18.97 4.29
CA ARG A 78 -16.06 -19.76 5.48
C ARG A 78 -15.88 -18.92 6.74
N LEU A 79 -14.88 -18.05 6.74
CA LEU A 79 -14.64 -17.18 7.89
C LEU A 79 -15.82 -16.21 7.99
N GLY A 80 -16.41 -15.89 6.84
CA GLY A 80 -17.58 -15.03 6.80
C GLY A 80 -18.81 -15.76 7.31
N GLU A 81 -19.04 -16.98 6.81
CA GLU A 81 -20.15 -17.80 7.27
C GLU A 81 -20.12 -17.97 8.78
N ASP A 82 -18.92 -18.07 9.33
CA ASP A 82 -18.78 -18.24 10.78
C ASP A 82 -19.51 -17.12 11.54
N VAL A 83 -19.26 -15.87 11.16
CA VAL A 83 -19.91 -14.74 11.82
C VAL A 83 -21.43 -14.81 11.62
N LEU A 84 -21.85 -15.06 10.38
CA LEU A 84 -23.28 -15.18 10.10
C LEU A 84 -23.95 -16.21 11.00
N GLU A 85 -23.28 -17.35 11.18
CA GLU A 85 -23.82 -18.42 12.01
C GLU A 85 -23.88 -17.99 13.48
N LEU A 86 -22.90 -17.21 13.93
CA LEU A 86 -22.94 -16.61 15.26
C LEU A 86 -24.15 -15.70 15.40
N LEU A 87 -24.38 -14.86 14.38
CA LEU A 87 -25.50 -13.94 14.41
C LEU A 87 -26.81 -14.71 14.39
N ASP A 88 -26.89 -15.72 13.52
CA ASP A 88 -28.09 -16.56 13.47
C ASP A 88 -28.33 -17.18 14.84
N ALA A 89 -27.26 -17.59 15.50
CA ALA A 89 -27.39 -18.28 16.80
C ALA A 89 -27.99 -17.35 17.84
N LEU A 90 -27.62 -16.07 17.76
CA LEU A 90 -28.06 -15.06 18.71
C LEU A 90 -29.38 -14.39 18.29
N GLU A 91 -29.95 -14.89 17.21
CA GLU A 91 -31.17 -14.31 16.65
C GLU A 91 -31.03 -12.81 16.42
N VAL A 92 -29.84 -12.39 15.98
CA VAL A 92 -29.61 -11.00 15.62
C VAL A 92 -29.71 -10.86 14.10
N ARG A 93 -30.55 -9.93 13.66
CA ARG A 93 -30.71 -9.71 12.24
C ARG A 93 -29.58 -8.82 11.71
N ARG A 94 -29.27 -7.78 12.47
CA ARG A 94 -28.30 -6.77 12.02
C ARG A 94 -27.40 -6.33 13.17
N ALA A 95 -26.12 -6.15 12.88
CA ALA A 95 -25.16 -5.72 13.87
C ALA A 95 -24.18 -4.76 13.24
N HIS A 96 -23.65 -3.84 14.03
CA HIS A 96 -22.50 -3.07 13.59
C HIS A 96 -21.35 -4.07 13.61
N PHE A 97 -20.33 -3.85 12.79
CA PHE A 97 -19.19 -4.75 12.71
C PHE A 97 -17.88 -3.98 12.75
N LEU A 98 -16.97 -4.42 13.61
CA LEU A 98 -15.61 -3.87 13.64
C LEU A 98 -14.60 -5.00 13.56
N GLY A 99 -13.80 -5.00 12.50
CA GLY A 99 -12.81 -6.03 12.27
C GLY A 99 -11.43 -5.44 12.03
N LEU A 100 -10.44 -5.96 12.75
CA LEU A 100 -9.06 -5.50 12.57
C LEU A 100 -8.23 -6.53 11.80
N SER A 101 -7.52 -6.04 10.78
CA SER A 101 -6.69 -6.89 9.94
C SER A 101 -7.53 -7.99 9.27
N LEU A 102 -7.26 -9.25 9.63
CA LEU A 102 -8.02 -10.36 9.07
C LEU A 102 -9.50 -10.14 9.36
N GLY A 103 -9.79 -9.65 10.56
CA GLY A 103 -11.16 -9.35 10.93
C GLY A 103 -11.76 -8.33 9.96
N GLY A 104 -10.96 -7.33 9.60
CA GLY A 104 -11.34 -6.34 8.62
C GLY A 104 -11.59 -6.95 7.25
N ILE A 105 -10.86 -8.00 6.89
CA ILE A 105 -11.15 -8.66 5.62
C ILE A 105 -12.48 -9.43 5.68
N VAL A 106 -12.75 -10.04 6.82
CA VAL A 106 -14.04 -10.67 7.03
C VAL A 106 -15.16 -9.62 6.90
N GLY A 107 -14.92 -8.43 7.45
CA GLY A 107 -15.85 -7.33 7.38
C GLY A 107 -16.23 -7.00 5.96
N GLN A 108 -15.23 -6.77 5.11
CA GLN A 108 -15.47 -6.51 3.70
C GLN A 108 -16.32 -7.60 3.07
N TRP A 109 -15.99 -8.86 3.35
CA TRP A 109 -16.74 -9.97 2.77
C TRP A 109 -18.21 -9.92 3.18
N LEU A 110 -18.46 -9.62 4.46
CA LEU A 110 -19.84 -9.51 4.96
C LEU A 110 -20.62 -8.40 4.29
N ALA A 111 -19.97 -7.25 4.07
CA ALA A 111 -20.66 -6.13 3.46
C ALA A 111 -20.98 -6.48 2.03
N LEU A 112 -20.20 -7.39 1.44
CA LEU A 112 -20.38 -7.76 0.04
C LEU A 112 -21.39 -8.89 -0.17
N HIS A 113 -21.49 -9.82 0.76
CA HIS A 113 -22.27 -11.03 0.56
C HIS A 113 -23.43 -11.14 1.54
N ALA A 114 -23.38 -10.36 2.61
CA ALA A 114 -24.51 -10.31 3.54
C ALA A 114 -24.79 -8.89 4.07
N PRO A 115 -24.93 -7.92 3.15
CA PRO A 115 -25.17 -6.52 3.51
C PRO A 115 -26.34 -6.35 4.48
N GLN A 116 -27.36 -7.19 4.37
CA GLN A 116 -28.54 -7.09 5.23
C GLN A 116 -28.28 -7.45 6.69
N ARG A 117 -27.14 -8.07 6.96
CA ARG A 117 -26.80 -8.48 8.32
C ARG A 117 -25.94 -7.43 9.02
N ILE A 118 -25.44 -6.47 8.25
CA ILE A 118 -24.54 -5.45 8.76
C ILE A 118 -25.20 -4.07 8.86
N GLU A 119 -24.91 -3.33 9.92
CA GLU A 119 -25.37 -1.95 10.04
C GLU A 119 -24.24 -1.05 9.59
N ARG A 120 -23.47 -0.56 10.56
CA ARG A 120 -22.30 0.24 10.28
C ARG A 120 -21.04 -0.61 10.38
N LEU A 121 -20.04 -0.24 9.57
CA LEU A 121 -18.90 -1.10 9.31
C LEU A 121 -17.59 -0.39 9.61
N VAL A 122 -16.77 -0.96 10.49
CA VAL A 122 -15.47 -0.39 10.81
C VAL A 122 -14.34 -1.36 10.42
N LEU A 123 -13.43 -0.86 9.58
CA LEU A 123 -12.34 -1.66 9.06
C LEU A 123 -11.04 -1.07 9.55
N ALA A 124 -10.35 -1.79 10.43
CA ALA A 124 -9.13 -1.29 11.06
C ALA A 124 -7.89 -2.05 10.59
N ASN A 125 -6.81 -1.32 10.35
CA ASN A 125 -5.53 -1.90 9.94
C ASN A 125 -5.73 -3.13 9.10
N THR A 126 -6.39 -2.96 7.96
CA THR A 126 -6.71 -4.07 7.08
C THR A 126 -6.39 -3.70 5.65
N SER A 127 -6.81 -4.56 4.72
CA SER A 127 -6.49 -4.41 3.31
C SER A 127 -7.45 -5.26 2.47
N ALA A 128 -7.65 -4.86 1.21
CA ALA A 128 -8.50 -5.62 0.30
C ALA A 128 -7.71 -6.60 -0.56
N TRP A 129 -6.38 -6.49 -0.54
CA TRP A 129 -5.53 -7.35 -1.34
C TRP A 129 -4.10 -7.26 -0.86
N LEU A 130 -3.54 -8.41 -0.49
CA LEU A 130 -2.20 -8.47 0.08
C LEU A 130 -1.29 -9.39 -0.72
N GLY A 131 -1.59 -9.55 -2.01
CA GLY A 131 -0.78 -10.40 -2.88
C GLY A 131 0.56 -9.74 -3.17
N PRO A 132 1.37 -10.35 -4.05
CA PRO A 132 1.10 -11.63 -4.73
C PRO A 132 1.04 -12.82 -3.75
N ALA A 133 0.59 -13.97 -4.24
CA ALA A 133 0.21 -15.07 -3.37
C ALA A 133 1.37 -15.96 -2.86
N ALA A 134 2.46 -16.05 -3.62
CA ALA A 134 3.53 -16.98 -3.26
C ALA A 134 3.98 -16.76 -1.83
N GLN A 135 4.22 -15.50 -1.45
CA GLN A 135 4.63 -15.20 -0.09
C GLN A 135 3.77 -15.90 0.97
N TRP A 136 2.49 -16.12 0.67
CA TRP A 136 1.59 -16.75 1.62
C TRP A 136 1.75 -18.28 1.66
N ASP A 137 2.03 -18.89 0.51
CA ASP A 137 2.35 -20.31 0.49
C ASP A 137 3.65 -20.58 1.24
N GLU A 138 4.60 -19.65 1.14
CA GLU A 138 5.86 -19.79 1.87
C GLU A 138 5.64 -19.67 3.37
N ARG A 139 4.74 -18.80 3.79
CA ARG A 139 4.45 -18.70 5.22
C ARG A 139 3.68 -19.91 5.73
N ILE A 140 2.87 -20.52 4.86
CA ILE A 140 2.12 -21.70 5.26
C ILE A 140 3.07 -22.89 5.43
N ALA A 141 3.93 -23.11 4.44
CA ALA A 141 4.91 -24.19 4.52
C ALA A 141 5.79 -24.00 5.75
N ALA A 142 6.16 -22.76 6.05
CA ALA A 142 7.07 -22.50 7.17
C ALA A 142 6.39 -22.69 8.53
N VAL A 143 5.16 -22.23 8.67
CA VAL A 143 4.46 -22.44 9.94
C VAL A 143 4.15 -23.93 10.20
N LEU A 144 3.87 -24.69 9.15
CA LEU A 144 3.55 -26.11 9.30
C LEU A 144 4.76 -26.94 9.74
N GLN A 145 5.95 -26.48 9.36
CA GLN A 145 7.17 -27.23 9.59
C GLN A 145 7.91 -26.75 10.83
N ALA A 146 7.49 -25.63 11.41
CA ALA A 146 8.15 -25.11 12.59
C ALA A 146 8.16 -26.12 13.73
N GLU A 147 9.16 -26.04 14.58
CA GLU A 147 9.20 -26.89 15.76
C GLU A 147 8.20 -26.40 16.81
N ASP A 148 8.27 -25.10 17.11
CA ASP A 148 7.28 -24.42 17.93
C ASP A 148 6.98 -23.05 17.31
N SER A 150 7.71 -20.14 18.26
CA SER A 150 8.57 -19.08 18.80
C SER A 150 9.11 -18.09 17.76
N GLU A 151 9.67 -18.62 16.67
CA GLU A 151 10.15 -17.76 15.60
C GLU A 151 8.96 -17.06 14.98
N THR A 152 7.92 -17.82 14.73
CA THR A 152 6.70 -17.31 14.13
C THR A 152 6.16 -16.14 14.96
N ALA A 153 6.06 -16.34 16.27
CA ALA A 153 5.58 -15.29 17.16
C ALA A 153 6.45 -14.04 17.09
N ALA A 154 7.78 -14.22 17.12
CA ALA A 154 8.67 -13.07 17.06
C ALA A 154 8.56 -12.35 15.73
N GLY A 155 8.15 -13.08 14.69
CA GLY A 155 7.94 -12.48 13.39
C GLY A 155 6.77 -11.51 13.46
N PHE A 156 5.64 -11.99 13.98
CA PHE A 156 4.46 -11.14 14.14
C PHE A 156 4.75 -9.95 15.03
N LEU A 157 5.24 -10.20 16.25
CA LEU A 157 5.46 -9.11 17.19
C LEU A 157 6.32 -8.00 16.58
N GLY A 158 7.32 -8.36 15.80
CA GLY A 158 8.16 -7.37 15.15
C GLY A 158 7.37 -6.53 14.16
N ASN A 159 6.32 -7.12 13.59
CA ASN A 159 5.42 -6.43 12.67
C ASN A 159 4.22 -5.73 13.34
N TRP A 160 3.96 -6.03 14.61
CA TRP A 160 2.76 -5.55 15.28
C TRP A 160 3.03 -4.32 16.13
N PHE A 161 4.23 -4.23 16.67
CA PHE A 161 4.56 -3.15 17.59
C PHE A 161 5.67 -2.27 17.03
N PRO A 162 5.83 -1.06 17.60
CA PRO A 162 6.97 -0.19 17.29
C PRO A 162 8.19 -0.67 18.03
N PRO A 163 9.39 -0.43 17.48
CA PRO A 163 10.63 -0.91 18.09
C PRO A 163 10.72 -0.54 19.58
N ALA A 164 10.31 0.68 19.92
CA ALA A 164 10.41 1.17 21.30
C ALA A 164 9.89 0.17 22.32
N LEU A 165 8.70 -0.38 22.06
CA LEU A 165 8.07 -1.30 23.00
C LEU A 165 8.74 -2.66 23.02
N LEU A 166 9.29 -3.06 21.88
CA LEU A 166 10.03 -4.31 21.79
C LEU A 166 11.38 -4.21 22.48
N GLU A 167 12.05 -3.07 22.31
CA GLU A 167 13.37 -2.85 22.88
C GLU A 167 13.44 -3.29 24.34
N ARG A 168 12.50 -2.82 25.15
CA ARG A 168 12.39 -3.29 26.52
C ARG A 168 11.27 -4.33 26.60
N ALA A 169 11.21 -5.04 27.71
CA ALA A 169 10.13 -5.98 27.95
C ALA A 169 8.94 -5.25 28.54
N GLU A 170 7.79 -5.41 27.91
CA GLU A 170 6.55 -4.83 28.42
C GLU A 170 5.51 -5.94 28.51
N PRO A 171 4.66 -5.90 29.55
CA PRO A 171 3.62 -6.92 29.77
C PRO A 171 2.70 -7.11 28.56
N VAL A 172 2.29 -6.02 27.92
CA VAL A 172 1.34 -6.12 26.81
C VAL A 172 1.95 -6.88 25.62
N VAL A 173 3.24 -6.67 25.37
CA VAL A 173 3.94 -7.39 24.32
C VAL A 173 3.91 -8.90 24.61
N GLU A 174 4.16 -9.26 25.86
CA GLU A 174 4.18 -10.67 26.24
C GLU A 174 2.78 -11.29 26.23
N ARG A 175 1.77 -10.49 26.56
CA ARG A 175 0.37 -10.91 26.48
CA ARG A 175 0.40 -10.96 26.50
C ARG A 175 0.08 -11.44 25.09
N PHE A 176 0.56 -10.68 24.10
CA PHE A 176 0.31 -11.01 22.70
C PHE A 176 1.22 -12.13 22.23
N ARG A 177 2.42 -12.21 22.80
CA ARG A 177 3.32 -13.33 22.50
C ARG A 177 2.66 -14.64 22.91
N ALA A 178 2.01 -14.61 24.06
CA ALA A 178 1.35 -15.80 24.58
C ALA A 178 0.22 -16.23 23.65
N LEU A 180 0.03 -15.78 20.47
CA LEU A 180 0.70 -16.40 19.33
C LEU A 180 1.23 -17.81 19.65
N ALA A 182 0.26 -19.90 21.77
CA ALA A 182 -0.88 -20.79 21.98
C ALA A 182 -1.69 -21.09 20.72
N THR A 183 -1.28 -20.51 19.59
CA THR A 183 -2.04 -20.66 18.34
C THR A 183 -1.58 -21.85 17.52
N ASN A 184 -2.48 -22.80 17.33
CA ASN A 184 -2.20 -23.99 16.53
C ASN A 184 -1.83 -23.60 15.11
N ARG A 185 -0.84 -24.29 14.56
CA ARG A 185 -0.27 -23.95 13.27
C ARG A 185 -1.26 -24.09 12.13
N HIS A 186 -2.27 -24.94 12.32
CA HIS A 186 -3.28 -25.11 11.28
C HIS A 186 -4.22 -23.90 11.21
N GLY A 187 -4.49 -23.30 12.35
CA GLY A 187 -5.24 -22.05 12.42
C GLY A 187 -4.52 -20.95 11.66
N LEU A 188 -3.21 -20.84 11.86
CA LEU A 188 -2.45 -19.81 11.14
C LEU A 188 -2.37 -20.12 9.66
N ALA A 189 -2.17 -21.40 9.31
CA ALA A 189 -2.02 -21.78 7.91
C ALA A 189 -3.33 -21.71 7.14
N GLY A 190 -4.43 -22.06 7.80
CA GLY A 190 -5.74 -21.98 7.16
C GLY A 190 -6.10 -20.52 6.88
N SER A 191 -5.84 -19.66 7.86
CA SER A 191 -6.05 -18.22 7.72
C SER A 191 -5.10 -17.56 6.72
N PHE A 192 -3.86 -18.05 6.60
CA PHE A 192 -2.95 -17.53 5.59
C PHE A 192 -3.56 -17.79 4.21
N ALA A 193 -4.16 -18.96 4.06
CA ALA A 193 -4.73 -19.37 2.79
C ALA A 193 -5.91 -18.47 2.39
N ALA A 194 -6.76 -18.14 3.36
CA ALA A 194 -7.86 -17.20 3.12
C ALA A 194 -7.30 -15.85 2.66
N VAL A 195 -6.29 -15.35 3.36
CA VAL A 195 -5.68 -14.07 2.98
C VAL A 195 -5.10 -14.14 1.57
N ARG A 196 -4.33 -15.19 1.32
CA ARG A 196 -3.70 -15.43 0.03
C ARG A 196 -4.68 -15.36 -1.14
N ASP A 197 -5.88 -15.90 -0.95
CA ASP A 197 -6.84 -16.05 -2.04
C ASP A 197 -7.74 -14.82 -2.23
N THR A 198 -7.51 -13.79 -1.43
CA THR A 198 -8.39 -12.62 -1.41
C THR A 198 -7.91 -11.48 -2.30
N ASP A 199 -8.75 -11.05 -3.24
CA ASP A 199 -8.58 -9.76 -3.89
C ASP A 199 -9.95 -9.10 -4.06
N LEU A 200 -10.29 -8.18 -3.16
CA LEU A 200 -11.62 -7.58 -3.16
C LEU A 200 -11.64 -6.18 -3.78
N ARG A 201 -10.52 -5.78 -4.38
CA ARG A 201 -10.38 -4.40 -4.81
C ARG A 201 -11.42 -3.99 -5.85
N ALA A 202 -11.75 -4.89 -6.78
CA ALA A 202 -12.68 -4.56 -7.85
C ALA A 202 -14.12 -4.65 -7.36
N GLN A 203 -14.29 -5.10 -6.12
CA GLN A 203 -15.64 -5.26 -5.55
C GLN A 203 -16.01 -4.16 -4.55
N LEU A 204 -15.03 -3.46 -4.00
CA LEU A 204 -15.31 -2.50 -2.94
C LEU A 204 -16.37 -1.47 -3.37
N ALA A 205 -16.32 -1.03 -4.62
CA ALA A 205 -17.22 0.01 -5.11
C ALA A 205 -18.68 -0.45 -5.09
N ARG A 206 -18.93 -1.73 -4.78
CA ARG A 206 -20.29 -2.25 -4.70
C ARG A 206 -20.85 -2.25 -3.29
N ILE A 207 -20.01 -1.95 -2.31
CA ILE A 207 -20.44 -1.90 -0.91
C ILE A 207 -21.36 -0.70 -0.62
N GLU A 208 -22.47 -0.96 0.07
CA GLU A 208 -23.45 0.09 0.36
C GLU A 208 -23.72 0.29 1.86
N ARG A 209 -22.76 -0.10 2.70
CA ARG A 209 -22.85 0.14 4.13
C ARG A 209 -22.03 1.38 4.48
N PRO A 210 -22.51 2.18 5.44
CA PRO A 210 -21.67 3.24 5.99
C PRO A 210 -20.41 2.62 6.61
N THR A 211 -19.25 3.02 6.13
CA THR A 211 -18.02 2.44 6.61
C THR A 211 -17.00 3.48 7.06
N LEU A 212 -16.28 3.14 8.12
CA LEU A 212 -15.12 3.89 8.55
C LEU A 212 -13.91 2.98 8.40
N VAL A 213 -12.84 3.52 7.83
CA VAL A 213 -11.60 2.80 7.68
C VAL A 213 -10.57 3.43 8.61
N ILE A 214 -10.01 2.62 9.50
CA ILE A 214 -8.91 3.04 10.36
C ILE A 214 -7.60 2.45 9.86
N ALA A 215 -6.60 3.30 9.69
CA ALA A 215 -5.31 2.86 9.19
C ALA A 215 -4.22 3.34 10.13
N GLY A 216 -3.09 2.62 10.14
CA GLY A 216 -1.94 3.02 10.92
C GLY A 216 -0.88 3.58 10.00
N ALA A 217 -0.41 4.79 10.28
CA ALA A 217 0.62 5.41 9.45
C ALA A 217 1.87 4.53 9.31
N TYR A 218 2.29 3.93 10.41
CA TYR A 218 3.53 3.17 10.41
C TYR A 218 3.29 1.67 10.30
N ASP A 219 2.08 1.28 9.90
CA ASP A 219 1.73 -0.12 9.76
C ASP A 219 2.61 -0.79 8.70
N THR A 220 3.25 -1.90 9.08
CA THR A 220 4.12 -2.65 8.17
C THR A 220 3.47 -3.95 7.68
N VAL A 221 2.50 -4.45 8.42
CA VAL A 221 1.71 -5.60 7.97
C VAL A 221 0.78 -5.20 6.80
N THR A 222 -0.23 -4.38 7.12
CA THR A 222 -1.19 -3.87 6.14
C THR A 222 -0.93 -2.37 5.96
N ALA A 223 -0.24 -2.01 4.89
CA ALA A 223 0.15 -0.61 4.65
C ALA A 223 -1.00 0.38 4.78
N ALA A 224 -0.71 1.58 5.28
CA ALA A 224 -1.72 2.62 5.41
C ALA A 224 -2.42 2.83 4.07
N SER A 225 -1.65 2.84 2.99
CA SER A 225 -2.17 3.07 1.66
C SER A 225 -3.23 2.04 1.24
N HIS A 226 -3.20 0.86 1.85
CA HIS A 226 -4.22 -0.14 1.57
C HIS A 226 -5.56 0.27 2.16
N GLY A 227 -5.50 0.89 3.33
CA GLY A 227 -6.69 1.38 4.00
C GLY A 227 -7.22 2.62 3.29
N GLU A 228 -6.30 3.43 2.77
CA GLU A 228 -6.66 4.63 2.01
C GLU A 228 -7.40 4.23 0.73
N LEU A 229 -6.92 3.19 0.06
CA LEU A 229 -7.61 2.65 -1.10
C LEU A 229 -9.00 2.12 -0.70
N ILE A 230 -9.07 1.43 0.42
CA ILE A 230 -10.38 0.97 0.87
C ILE A 230 -11.36 2.15 1.05
N ALA A 231 -10.91 3.21 1.72
CA ALA A 231 -11.75 4.39 1.98
C ALA A 231 -12.16 5.03 0.65
N ALA A 232 -11.22 5.15 -0.28
CA ALA A 232 -11.48 5.72 -1.60
C ALA A 232 -12.54 4.93 -2.35
N SER A 233 -12.40 3.61 -2.39
CA SER A 233 -13.25 2.79 -3.25
C SER A 233 -14.62 2.50 -2.67
N ILE A 234 -14.74 2.46 -1.36
CA ILE A 234 -16.03 2.30 -0.74
C ILE A 234 -16.78 3.64 -0.78
N ALA A 235 -17.93 3.65 -1.44
CA ALA A 235 -18.65 4.90 -1.66
C ALA A 235 -18.99 5.55 -0.33
N GLY A 236 -18.48 6.77 -0.13
CA GLY A 236 -18.79 7.51 1.09
C GLY A 236 -18.06 7.08 2.36
N ALA A 237 -17.02 6.26 2.24
CA ALA A 237 -16.27 5.82 3.43
C ALA A 237 -15.39 6.94 3.99
N ARG A 238 -15.28 6.99 5.32
CA ARG A 238 -14.38 7.94 5.97
C ARG A 238 -13.06 7.23 6.29
N LEU A 239 -11.98 8.00 6.34
CA LEU A 239 -10.66 7.47 6.67
C LEU A 239 -10.05 8.22 7.86
N VAL A 240 -9.67 7.45 8.88
CA VAL A 240 -8.94 7.97 10.03
C VAL A 240 -7.58 7.26 10.13
N THR A 241 -6.50 8.00 9.94
CA THR A 241 -5.16 7.47 10.07
C THR A 241 -4.58 7.83 11.43
N LEU A 242 -4.14 6.81 12.16
CA LEU A 242 -3.46 7.02 13.44
C LEU A 242 -1.96 6.84 13.26
N PRO A 243 -1.15 7.48 14.11
CA PRO A 243 0.32 7.36 14.02
C PRO A 243 0.77 6.05 14.63
N ALA A 244 0.10 4.96 14.25
CA ALA A 244 0.27 3.67 14.89
C ALA A 244 0.88 2.64 13.94
N VAL A 245 1.34 1.53 14.50
CA VAL A 245 1.71 0.38 13.69
C VAL A 245 0.46 -0.44 13.37
N HIS A 246 0.51 -1.76 13.57
CA HIS A 246 -0.58 -2.60 13.11
C HIS A 246 -1.73 -2.76 14.10
N LEU A 247 -1.43 -2.87 15.39
CA LEU A 247 -2.50 -2.98 16.38
C LEU A 247 -2.74 -1.60 16.97
N SER A 248 -3.57 -0.78 16.31
CA SER A 248 -3.67 0.62 16.70
C SER A 248 -4.60 0.84 17.89
N ASN A 249 -5.44 -0.14 18.21
CA ASN A 249 -6.29 -0.03 19.39
C ASN A 249 -5.45 -0.29 20.63
N VAL A 250 -4.31 -0.94 20.43
CA VAL A 250 -3.41 -1.25 21.53
C VAL A 250 -2.47 -0.08 21.74
N GLU A 251 -2.04 0.53 20.64
CA GLU A 251 -1.09 1.62 20.73
C GLU A 251 -1.76 2.94 21.10
N PHE A 252 -2.95 3.20 20.54
CA PHE A 252 -3.72 4.41 20.84
C PHE A 252 -5.16 4.09 21.18
N PRO A 253 -5.40 3.56 22.39
CA PRO A 253 -6.75 3.10 22.76
C PRO A 253 -7.78 4.23 22.78
N GLN A 254 -7.39 5.41 23.25
CA GLN A 254 -8.32 6.53 23.35
C GLN A 254 -8.71 7.04 21.97
N ALA A 255 -7.72 7.30 21.14
CA ALA A 255 -8.00 7.82 19.80
C ALA A 255 -8.76 6.80 18.98
N PHE A 256 -8.47 5.52 19.20
CA PHE A 256 -9.12 4.43 18.47
C PHE A 256 -10.58 4.31 18.86
N GLU A 257 -10.82 4.33 20.17
CA GLU A 257 -12.19 4.26 20.69
C GLU A 257 -13.01 5.49 20.31
N GLY A 258 -12.39 6.66 20.35
CA GLY A 258 -13.06 7.90 19.99
C GLY A 258 -13.51 7.84 18.55
N ALA A 259 -12.60 7.45 17.66
CA ALA A 259 -12.90 7.32 16.24
C ALA A 259 -14.04 6.34 15.99
N VAL A 260 -14.05 5.22 16.70
CA VAL A 260 -15.09 4.20 16.52
C VAL A 260 -16.45 4.62 17.05
N LEU A 261 -16.47 5.14 18.27
CA LEU A 261 -17.74 5.54 18.88
C LEU A 261 -18.42 6.71 18.18
N SER A 262 -17.66 7.75 17.83
CA SER A 262 -18.27 8.88 17.15
C SER A 262 -18.82 8.41 15.80
N PHE A 263 -18.15 7.47 15.16
CA PHE A 263 -18.66 6.99 13.88
C PHE A 263 -19.89 6.11 14.02
N LEU A 264 -19.99 5.34 15.09
CA LEU A 264 -21.14 4.45 15.25
C LEU A 264 -22.35 5.19 15.83
N GLY A 265 -22.16 6.49 16.08
CA GLY A 265 -23.26 7.33 16.53
C GLY A 265 -23.09 7.85 17.95
N ALA A 266 -21.86 7.77 18.46
CA ALA A 266 -21.54 8.16 19.82
C ALA A 266 -22.19 7.21 20.82
N ASN B 2 19.12 -0.09 -35.73
CA ASN B 2 20.44 0.39 -35.30
C ASN B 2 20.51 1.91 -35.35
N ALA B 3 21.37 2.45 -36.21
CA ALA B 3 21.48 3.90 -36.41
C ALA B 3 21.64 4.71 -35.12
N GLY B 4 20.65 5.56 -34.84
CA GLY B 4 20.74 6.49 -33.73
C GLY B 4 19.56 6.49 -32.76
N ASN B 5 19.12 5.29 -32.39
CA ASN B 5 18.08 5.13 -31.38
C ASN B 5 18.51 5.69 -30.02
N LEU B 6 19.76 5.43 -29.63
CA LEU B 6 20.20 5.81 -28.29
C LEU B 6 21.56 6.49 -28.27
N SER B 7 21.75 7.32 -27.26
CA SER B 7 23.07 7.83 -26.91
C SER B 7 23.39 7.32 -25.52
N PHE B 8 24.66 7.35 -25.15
CA PHE B 8 25.09 6.84 -23.85
C PHE B 8 25.97 7.87 -23.15
N LEU B 9 25.68 8.10 -21.88
CA LEU B 9 26.48 9.00 -21.07
C LEU B 9 27.29 8.18 -20.08
N ALA B 10 28.59 8.43 -20.02
CA ALA B 10 29.42 7.83 -18.99
C ALA B 10 29.42 8.75 -17.80
N THR B 11 28.86 8.26 -16.70
CA THR B 11 28.78 9.05 -15.47
C THR B 11 30.13 9.16 -14.77
N SER B 12 30.22 10.12 -13.86
CA SER B 12 31.43 10.36 -13.09
C SER B 12 31.85 9.15 -12.23
N ASP B 13 30.89 8.28 -11.92
CA ASP B 13 31.18 7.11 -11.08
C ASP B 13 31.21 5.81 -11.88
N GLY B 14 31.35 5.94 -13.20
CA GLY B 14 31.62 4.78 -14.05
C GLY B 14 30.45 3.89 -14.41
N ALA B 15 29.26 4.47 -14.51
CA ALA B 15 28.13 3.75 -15.09
C ALA B 15 27.85 4.32 -16.47
N SER B 16 26.97 3.67 -17.22
CA SER B 16 26.56 4.16 -18.54
C SER B 16 25.05 4.35 -18.56
N LEU B 17 24.60 5.56 -18.87
CA LEU B 17 23.17 5.88 -18.94
C LEU B 17 22.70 6.04 -20.38
N ALA B 18 21.67 5.29 -20.76
CA ALA B 18 21.12 5.38 -22.10
C ALA B 18 20.10 6.51 -22.15
N TYR B 19 20.15 7.32 -23.19
CA TYR B 19 19.19 8.41 -23.33
C TYR B 19 18.91 8.74 -24.79
N ARG B 20 17.81 9.46 -25.03
CA ARG B 20 17.48 9.97 -26.36
C ARG B 20 16.67 11.26 -26.32
N LEU B 21 16.87 12.10 -27.33
CA LEU B 21 16.10 13.33 -27.48
C LEU B 21 15.11 13.22 -28.65
N ASP B 22 13.91 13.74 -28.43
CA ASP B 22 12.89 13.79 -29.46
C ASP B 22 12.35 15.18 -29.60
N GLY B 23 12.03 15.58 -30.83
CA GLY B 23 11.46 16.90 -31.09
C GLY B 23 12.49 17.89 -31.59
N ALA B 24 12.02 19.03 -32.07
CA ALA B 24 12.88 20.05 -32.64
C ALA B 24 13.82 20.63 -31.60
N ALA B 25 15.08 20.80 -31.99
CA ALA B 25 16.14 21.23 -31.09
C ALA B 25 15.95 22.62 -30.49
N GLU B 26 15.32 23.53 -31.23
CA GLU B 26 15.17 24.90 -30.76
C GLU B 26 14.13 25.05 -29.67
N LYS B 27 13.24 24.07 -29.54
CA LYS B 27 12.18 24.14 -28.56
C LYS B 27 12.71 23.91 -27.16
N PRO B 28 11.99 24.41 -26.14
CA PRO B 28 12.42 24.32 -24.74
C PRO B 28 12.55 22.87 -24.29
N LEU B 29 13.51 22.58 -23.42
CA LEU B 29 13.83 21.21 -23.02
C LEU B 29 12.91 20.72 -21.91
N LEU B 30 12.30 19.57 -22.13
CA LEU B 30 11.53 18.89 -21.10
C LEU B 30 12.12 17.50 -20.84
N ALA B 31 12.58 17.28 -19.60
CA ALA B 31 13.17 15.99 -19.22
C ALA B 31 12.16 15.11 -18.49
N LEU B 32 12.10 13.85 -18.89
CA LEU B 32 11.21 12.87 -18.26
C LEU B 32 12.03 11.86 -17.47
N SER B 33 11.55 11.50 -16.28
CA SER B 33 12.21 10.47 -15.47
C SER B 33 11.20 9.39 -15.09
N ASN B 34 11.62 8.12 -15.24
CA ASN B 34 10.69 6.99 -15.25
C ASN B 34 10.35 6.42 -13.86
N SER B 35 9.34 5.54 -13.84
CA SER B 35 9.05 4.76 -12.65
C SER B 35 10.14 3.70 -12.47
N ILE B 36 10.29 3.23 -11.25
CA ILE B 36 11.14 2.06 -11.01
C ILE B 36 10.59 0.92 -11.86
N GLY B 37 11.46 0.04 -12.35
CA GLY B 37 10.99 -1.12 -13.08
C GLY B 37 10.54 -0.86 -14.51
N THR B 38 10.73 0.36 -15.02
CA THR B 38 10.33 0.65 -16.39
C THR B 38 11.47 1.21 -17.20
N THR B 39 11.20 1.47 -18.48
CA THR B 39 12.14 2.13 -19.36
C THR B 39 11.53 3.41 -19.94
N LEU B 40 12.32 4.16 -20.68
CA LEU B 40 11.85 5.41 -21.26
C LEU B 40 10.70 5.18 -22.25
N HIS B 41 10.46 3.93 -22.62
CA HIS B 41 9.35 3.66 -23.54
C HIS B 41 7.97 3.73 -22.86
N TRP B 43 6.78 6.29 -21.87
CA TRP B 43 6.28 7.59 -22.32
C TRP B 43 5.99 7.67 -23.83
N ASP B 44 6.12 6.56 -24.54
CA ASP B 44 5.96 6.59 -26.00
C ASP B 44 4.65 7.28 -26.44
N ALA B 45 3.57 7.01 -25.73
CA ALA B 45 2.27 7.56 -26.13
C ALA B 45 2.21 9.08 -26.02
N GLN B 46 2.96 9.64 -25.07
CA GLN B 46 2.98 11.08 -24.79
C GLN B 46 3.85 11.89 -25.74
N LEU B 47 4.73 11.22 -26.49
CA LEU B 47 5.67 11.91 -27.37
C LEU B 47 5.01 12.87 -28.37
N PRO B 48 4.03 12.39 -29.14
CA PRO B 48 3.47 13.29 -30.16
C PRO B 48 2.97 14.62 -29.56
N ALA B 49 2.16 14.56 -28.51
CA ALA B 49 1.67 15.79 -27.89
C ALA B 49 2.79 16.59 -27.22
N LEU B 50 3.73 15.91 -26.56
CA LEU B 50 4.79 16.61 -25.86
C LEU B 50 5.75 17.32 -26.82
N THR B 51 6.08 16.66 -27.92
CA THR B 51 7.10 17.18 -28.84
C THR B 51 6.58 18.26 -29.74
N ARG B 52 5.27 18.51 -29.67
CA ARG B 52 4.67 19.63 -30.40
C ARG B 52 5.21 20.94 -29.86
N HIS B 53 5.53 20.96 -28.57
CA HIS B 53 5.94 22.18 -27.87
C HIS B 53 7.35 22.12 -27.25
N PHE B 54 7.85 20.92 -26.95
CA PHE B 54 9.12 20.82 -26.25
C PHE B 54 10.07 19.83 -26.90
N ARG B 55 11.37 20.06 -26.70
CA ARG B 55 12.37 19.04 -26.97
CA ARG B 55 12.39 19.05 -26.96
C ARG B 55 12.35 18.12 -25.77
N VAL B 56 12.05 16.84 -26.01
CA VAL B 56 11.91 15.89 -24.91
C VAL B 56 13.16 15.02 -24.68
N LEU B 57 13.78 15.20 -23.51
CA LEU B 57 14.88 14.34 -23.09
C LEU B 57 14.34 13.18 -22.27
N ARG B 58 14.59 11.96 -22.75
CA ARG B 58 14.23 10.74 -22.02
C ARG B 58 15.48 9.92 -21.71
N TYR B 59 15.48 9.19 -20.60
CA TYR B 59 16.61 8.32 -20.28
C TYR B 59 16.15 7.10 -19.45
N ASP B 60 16.92 6.01 -19.55
CA ASP B 60 16.70 4.87 -18.66
C ASP B 60 17.50 5.10 -17.40
N ALA B 61 16.83 5.08 -16.26
CA ALA B 61 17.51 5.34 -15.00
C ALA B 61 18.65 4.32 -14.74
N ARG B 62 19.58 4.73 -13.90
CA ARG B 62 20.61 3.85 -13.37
C ARG B 62 19.97 2.50 -13.01
N GLY B 63 20.54 1.41 -13.49
CA GLY B 63 20.07 0.08 -13.14
C GLY B 63 18.92 -0.44 -13.99
N HIS B 64 18.46 0.36 -14.95
CA HIS B 64 17.26 0.03 -15.73
C HIS B 64 17.46 -0.02 -17.23
N GLY B 65 16.57 -0.78 -17.89
CA GLY B 65 16.51 -0.84 -19.33
C GLY B 65 17.83 -0.90 -20.08
N ALA B 66 18.15 0.17 -20.81
CA ALA B 66 19.31 0.17 -21.68
C ALA B 66 20.51 0.79 -21.01
N SER B 67 20.32 1.20 -19.76
CA SER B 67 21.45 1.69 -18.98
C SER B 67 22.16 0.52 -18.28
N SER B 68 23.36 0.78 -17.77
CA SER B 68 24.14 -0.25 -17.08
C SER B 68 23.61 -0.39 -15.65
N VAL B 69 24.04 -1.44 -14.95
CA VAL B 69 23.45 -1.77 -13.66
C VAL B 69 24.51 -1.84 -12.56
N PRO B 70 24.82 -0.70 -11.93
CA PRO B 70 25.68 -0.77 -10.74
C PRO B 70 25.01 -1.60 -9.64
N PRO B 71 25.80 -2.12 -8.69
CA PRO B 71 25.18 -2.82 -7.56
C PRO B 71 24.50 -1.79 -6.66
N GLY B 72 23.41 -2.16 -5.99
CA GLY B 72 22.82 -1.29 -4.98
C GLY B 72 23.77 -1.27 -3.81
N PRO B 73 23.53 -0.39 -2.83
CA PRO B 73 22.44 0.59 -2.76
C PRO B 73 22.73 1.78 -3.65
N TYR B 74 21.69 2.38 -4.22
CA TYR B 74 21.79 3.70 -4.84
C TYR B 74 21.29 4.71 -3.82
N THR B 75 21.92 5.88 -3.76
CA THR B 75 21.36 7.00 -2.99
C THR B 75 20.50 7.88 -3.89
N LEU B 76 19.56 8.59 -3.28
CA LEU B 76 18.73 9.54 -4.03
C LEU B 76 19.62 10.56 -4.74
N ALA B 77 20.59 11.08 -3.99
CA ALA B 77 21.49 12.11 -4.50
C ALA B 77 22.17 11.67 -5.78
N ARG B 78 22.58 10.40 -5.83
CA ARG B 78 23.24 9.84 -7.01
C ARG B 78 22.29 9.78 -8.20
N LEU B 79 21.03 9.41 -7.94
CA LEU B 79 20.02 9.37 -9.01
C LEU B 79 19.73 10.79 -9.56
N GLY B 80 19.84 11.79 -8.70
CA GLY B 80 19.68 13.17 -9.12
C GLY B 80 20.88 13.65 -9.91
N GLU B 81 22.07 13.25 -9.47
CA GLU B 81 23.30 13.64 -10.15
C GLU B 81 23.34 13.10 -11.59
N ASP B 82 22.75 11.92 -11.78
CA ASP B 82 22.64 11.35 -13.12
C ASP B 82 21.94 12.34 -14.08
N VAL B 83 20.84 12.93 -13.63
CA VAL B 83 20.13 13.91 -14.44
C VAL B 83 21.02 15.12 -14.69
N LEU B 84 21.63 15.66 -13.63
CA LEU B 84 22.49 16.82 -13.78
C LEU B 84 23.61 16.58 -14.79
N GLU B 85 24.17 15.37 -14.80
CA GLU B 85 25.26 15.06 -15.73
C GLU B 85 24.75 14.90 -17.16
N LEU B 86 23.53 14.40 -17.32
CA LEU B 86 22.86 14.40 -18.62
C LEU B 86 22.72 15.83 -19.14
N LEU B 87 22.21 16.71 -18.28
CA LEU B 87 22.01 18.10 -18.67
C LEU B 87 23.34 18.73 -19.05
N ASP B 88 24.37 18.49 -18.24
CA ASP B 88 25.70 19.00 -18.53
C ASP B 88 26.18 18.53 -19.90
N ALA B 89 25.97 17.25 -20.17
CA ALA B 89 26.45 16.67 -21.43
C ALA B 89 25.74 17.31 -22.62
N LEU B 90 24.49 17.71 -22.41
CA LEU B 90 23.71 18.35 -23.47
C LEU B 90 23.97 19.85 -23.50
N GLU B 91 24.74 20.33 -22.53
CA GLU B 91 25.00 21.75 -22.40
C GLU B 91 23.71 22.54 -22.19
N VAL B 92 22.77 21.94 -21.48
CA VAL B 92 21.53 22.62 -21.15
C VAL B 92 21.60 23.21 -19.75
N ARG B 93 21.46 24.53 -19.66
CA ARG B 93 21.51 25.21 -18.37
C ARG B 93 20.29 24.85 -17.51
N ARG B 94 19.16 24.66 -18.15
CA ARG B 94 17.89 24.59 -17.42
C ARG B 94 16.79 23.94 -18.24
N ALA B 95 15.98 23.12 -17.58
CA ALA B 95 14.97 22.33 -18.27
C ALA B 95 13.73 22.19 -17.40
N HIS B 96 12.61 21.88 -18.04
CA HIS B 96 11.44 21.45 -17.29
C HIS B 96 11.67 20.00 -16.93
N PHE B 97 11.10 19.56 -15.81
CA PHE B 97 11.27 18.20 -15.37
C PHE B 97 9.93 17.57 -15.06
N LEU B 98 9.67 16.42 -15.66
CA LEU B 98 8.51 15.60 -15.29
C LEU B 98 8.96 14.21 -14.85
N GLY B 99 8.67 13.85 -13.61
CA GLY B 99 9.06 12.55 -13.07
C GLY B 99 7.85 11.82 -12.50
N LEU B 100 7.71 10.55 -12.86
CA LEU B 100 6.64 9.73 -12.33
C LEU B 100 7.16 8.72 -11.31
N SER B 101 6.53 8.68 -10.13
CA SER B 101 6.95 7.80 -9.05
C SER B 101 8.41 8.06 -8.63
N LEU B 102 9.29 7.06 -8.76
CA LEU B 102 10.71 7.26 -8.44
C LEU B 102 11.23 8.51 -9.16
N GLY B 103 10.91 8.65 -10.43
CA GLY B 103 11.26 9.85 -11.18
C GLY B 103 10.80 11.12 -10.47
N GLY B 104 9.66 11.02 -9.80
CA GLY B 104 9.11 12.17 -9.08
C GLY B 104 9.92 12.52 -7.85
N ILE B 105 10.52 11.49 -7.24
CA ILE B 105 11.38 11.68 -6.07
C ILE B 105 12.68 12.34 -6.52
N VAL B 106 13.22 11.87 -7.64
CA VAL B 106 14.34 12.55 -8.26
C VAL B 106 13.99 14.02 -8.52
N GLY B 107 12.77 14.26 -8.99
CA GLY B 107 12.30 15.62 -9.22
C GLY B 107 12.37 16.48 -7.99
N GLN B 108 11.82 16.00 -6.88
CA GLN B 108 11.83 16.77 -5.65
C GLN B 108 13.26 17.07 -5.21
N TRP B 109 14.15 16.08 -5.38
CA TRP B 109 15.57 16.25 -5.05
C TRP B 109 16.24 17.33 -5.89
N LEU B 110 16.02 17.29 -7.20
CA LEU B 110 16.58 18.32 -8.07
C LEU B 110 16.10 19.72 -7.65
N ALA B 111 14.83 19.83 -7.29
CA ALA B 111 14.28 21.12 -6.91
C ALA B 111 14.91 21.59 -5.61
N LEU B 112 15.29 20.66 -4.75
CA LEU B 112 15.91 21.00 -3.49
C LEU B 112 17.39 21.31 -3.61
N HIS B 113 18.09 20.60 -4.47
CA HIS B 113 19.55 20.63 -4.48
C HIS B 113 20.16 21.31 -5.70
N ALA B 114 19.39 21.37 -6.78
CA ALA B 114 19.85 22.03 -8.00
C ALA B 114 18.73 22.86 -8.67
N PRO B 115 18.06 23.72 -7.87
CA PRO B 115 16.88 24.45 -8.36
C PRO B 115 17.20 25.26 -9.62
N GLN B 116 18.40 25.81 -9.67
CA GLN B 116 18.83 26.64 -10.79
C GLN B 116 18.86 25.89 -12.13
N ARG B 117 18.76 24.56 -12.08
CA ARG B 117 18.75 23.72 -13.29
C ARG B 117 17.32 23.38 -13.72
N ILE B 118 16.34 23.71 -12.87
CA ILE B 118 14.94 23.34 -13.11
C ILE B 118 14.04 24.56 -13.41
N GLU B 119 13.28 24.48 -14.49
CA GLU B 119 12.29 25.50 -14.82
C GLU B 119 11.01 25.17 -14.07
N ARG B 120 10.09 24.47 -14.74
CA ARG B 120 8.87 24.03 -14.09
C ARG B 120 8.91 22.55 -13.74
N LEU B 121 8.25 22.18 -12.65
CA LEU B 121 8.35 20.83 -12.12
C LEU B 121 6.99 20.14 -12.07
N VAL B 122 6.92 18.96 -12.70
CA VAL B 122 5.74 18.11 -12.60
C VAL B 122 6.10 16.82 -11.85
N LEU B 123 5.25 16.45 -10.90
CA LEU B 123 5.46 15.29 -10.05
C LEU B 123 4.24 14.39 -10.18
N ALA B 124 4.38 13.27 -10.88
CA ALA B 124 3.25 12.38 -11.13
C ALA B 124 3.32 11.14 -10.25
N ASN B 125 2.19 10.78 -9.64
CA ASN B 125 2.09 9.55 -8.87
C ASN B 125 3.38 9.32 -8.07
N THR B 126 3.65 10.23 -7.15
CA THR B 126 4.88 10.19 -6.40
C THR B 126 4.65 10.51 -4.93
N SER B 127 5.74 10.68 -4.20
CA SER B 127 5.66 10.86 -2.77
C SER B 127 6.93 11.46 -2.23
N ALA B 128 6.84 12.07 -1.05
CA ALA B 128 8.01 12.62 -0.37
C ALA B 128 8.51 11.67 0.71
N TRP B 129 7.76 10.59 0.96
CA TRP B 129 8.14 9.65 2.01
C TRP B 129 7.32 8.37 1.93
N LEU B 130 8.00 7.27 1.66
CA LEU B 130 7.34 5.98 1.47
C LEU B 130 7.64 4.97 2.57
N GLY B 131 8.06 5.46 3.74
CA GLY B 131 8.30 4.61 4.90
C GLY B 131 7.04 3.94 5.40
N PRO B 132 7.16 3.10 6.45
CA PRO B 132 8.38 2.77 7.19
C PRO B 132 9.43 2.10 6.29
N ALA B 133 10.71 2.28 6.61
CA ALA B 133 11.80 1.74 5.78
C ALA B 133 11.84 0.20 5.70
N ALA B 134 11.33 -0.46 6.74
CA ALA B 134 11.38 -1.93 6.82
C ALA B 134 10.95 -2.64 5.54
N GLN B 135 9.83 -2.21 4.97
CA GLN B 135 9.29 -2.89 3.81
C GLN B 135 10.26 -2.89 2.62
N TRP B 136 11.21 -1.97 2.61
CA TRP B 136 12.12 -1.85 1.48
C TRP B 136 13.31 -2.80 1.60
N ASP B 137 13.81 -2.97 2.83
CA ASP B 137 14.84 -3.96 3.11
C ASP B 137 14.35 -5.35 2.78
N GLU B 138 13.12 -5.65 3.19
CA GLU B 138 12.49 -6.91 2.81
C GLU B 138 12.43 -7.10 1.31
N ARG B 139 12.12 -6.03 0.58
CA ARG B 139 11.98 -6.10 -0.87
C ARG B 139 13.34 -6.22 -1.57
N ILE B 140 14.36 -5.63 -0.97
CA ILE B 140 15.72 -5.76 -1.47
C ILE B 140 16.20 -7.22 -1.32
N ALA B 141 16.04 -7.78 -0.12
CA ALA B 141 16.50 -9.14 0.15
C ALA B 141 15.75 -10.12 -0.76
N ALA B 142 14.45 -9.94 -0.87
CA ALA B 142 13.61 -10.82 -1.68
C ALA B 142 13.92 -10.77 -3.17
N VAL B 143 14.14 -9.58 -3.72
CA VAL B 143 14.46 -9.48 -5.15
C VAL B 143 15.84 -10.08 -5.46
N LEU B 144 16.82 -9.86 -4.58
CA LEU B 144 18.16 -10.45 -4.76
C LEU B 144 18.16 -11.98 -4.78
N GLN B 145 17.26 -12.60 -4.03
CA GLN B 145 17.25 -14.05 -3.90
C GLN B 145 16.36 -14.76 -4.91
N ALA B 146 15.59 -14.00 -5.70
CA ALA B 146 14.63 -14.61 -6.60
C ALA B 146 15.26 -15.48 -7.68
N GLU B 147 14.58 -16.56 -8.05
CA GLU B 147 15.04 -17.34 -9.19
C GLU B 147 15.00 -16.42 -10.41
N ASP B 148 13.81 -15.90 -10.72
CA ASP B 148 13.66 -14.91 -11.79
C ASP B 148 12.73 -13.76 -11.38
N SER B 150 9.75 -13.04 -12.30
CA SER B 150 8.32 -13.36 -12.45
C SER B 150 7.44 -12.95 -11.28
N GLU B 151 7.72 -13.46 -10.09
CA GLU B 151 6.90 -13.10 -8.93
C GLU B 151 7.00 -11.61 -8.64
N THR B 152 8.18 -11.05 -8.93
CA THR B 152 8.44 -9.63 -8.74
C THR B 152 7.59 -8.78 -9.69
N ALA B 153 7.49 -9.21 -10.95
CA ALA B 153 6.63 -8.54 -11.92
C ALA B 153 5.15 -8.65 -11.53
N ALA B 154 4.73 -9.80 -11.03
CA ALA B 154 3.37 -9.97 -10.57
C ALA B 154 3.09 -8.97 -9.45
N GLY B 155 4.12 -8.69 -8.66
CA GLY B 155 4.00 -7.72 -7.59
C GLY B 155 3.70 -6.35 -8.15
N PHE B 156 4.60 -5.84 -9.00
CA PHE B 156 4.43 -4.53 -9.56
C PHE B 156 3.15 -4.38 -10.38
N LEU B 157 2.94 -5.28 -11.33
CA LEU B 157 1.77 -5.19 -12.20
C LEU B 157 0.49 -5.19 -11.37
N GLY B 158 0.48 -5.94 -10.28
CA GLY B 158 -0.67 -6.04 -9.42
C GLY B 158 -0.97 -4.74 -8.69
N ASN B 159 0.08 -3.97 -8.37
CA ASN B 159 -0.11 -2.67 -7.73
C ASN B 159 -0.32 -1.53 -8.71
N TRP B 160 0.16 -1.72 -9.93
CA TRP B 160 0.19 -0.65 -10.93
C TRP B 160 -1.12 -0.52 -11.68
N PHE B 161 -1.78 -1.63 -11.93
CA PHE B 161 -2.96 -1.61 -12.78
C PHE B 161 -4.24 -2.01 -12.06
N PRO B 162 -5.36 -1.43 -12.49
CA PRO B 162 -6.68 -1.90 -12.07
C PRO B 162 -6.74 -3.40 -12.33
N PRO B 163 -7.14 -4.19 -11.32
CA PRO B 163 -7.27 -5.63 -11.52
C PRO B 163 -8.20 -5.92 -12.68
N ALA B 164 -8.99 -4.92 -13.07
CA ALA B 164 -9.83 -5.01 -14.25
C ALA B 164 -8.96 -5.01 -15.50
N LEU B 165 -8.13 -3.98 -15.62
CA LEU B 165 -7.22 -3.83 -16.75
C LEU B 165 -6.27 -5.03 -16.91
N LEU B 166 -5.83 -5.59 -15.79
CA LEU B 166 -4.94 -6.75 -15.79
C LEU B 166 -5.66 -8.02 -16.22
N GLU B 167 -6.83 -8.25 -15.63
CA GLU B 167 -7.66 -9.44 -15.90
C GLU B 167 -7.83 -9.72 -17.39
N ARG B 168 -8.16 -8.68 -18.15
CA ARG B 168 -8.26 -8.79 -19.60
C ARG B 168 -6.88 -8.60 -20.23
N ALA B 169 -6.27 -9.69 -20.69
CA ALA B 169 -4.95 -9.65 -21.32
C ALA B 169 -4.79 -8.42 -22.20
N GLU B 170 -4.06 -7.42 -21.70
CA GLU B 170 -3.90 -6.16 -22.41
C GLU B 170 -2.50 -5.99 -22.96
N PRO B 171 -2.40 -5.66 -24.26
CA PRO B 171 -1.10 -5.49 -24.91
C PRO B 171 -0.24 -4.47 -24.16
N VAL B 172 -0.87 -3.49 -23.54
CA VAL B 172 -0.11 -2.47 -22.81
C VAL B 172 0.46 -3.05 -21.51
N VAL B 173 -0.32 -3.90 -20.84
CA VAL B 173 0.14 -4.54 -19.62
C VAL B 173 1.33 -5.44 -19.92
N GLU B 174 1.23 -6.21 -20.99
CA GLU B 174 2.30 -7.10 -21.41
C GLU B 174 3.58 -6.35 -21.76
N ARG B 175 3.44 -5.12 -22.25
CA ARG B 175 4.63 -4.31 -22.51
C ARG B 175 5.31 -3.92 -21.23
N PHE B 176 4.52 -3.60 -20.20
CA PHE B 176 5.10 -3.34 -18.88
C PHE B 176 5.61 -4.62 -18.20
N ARG B 177 4.94 -5.74 -18.45
CA ARG B 177 5.45 -6.99 -17.92
C ARG B 177 6.85 -7.24 -18.49
N ALA B 178 7.02 -7.01 -19.79
CA ALA B 178 8.32 -7.24 -20.41
C ALA B 178 9.39 -6.31 -19.84
N LEU B 180 9.60 -5.14 -16.82
CA LEU B 180 9.93 -5.67 -15.52
C LEU B 180 10.81 -6.91 -15.66
N ALA B 182 12.80 -7.72 -17.79
CA ALA B 182 14.13 -7.43 -18.32
C ALA B 182 14.89 -6.51 -17.40
N THR B 183 14.35 -6.28 -16.21
CA THR B 183 15.01 -5.40 -15.25
C THR B 183 15.95 -6.19 -14.33
N ASN B 184 17.21 -5.78 -14.31
CA ASN B 184 18.20 -6.49 -13.50
C ASN B 184 17.92 -6.26 -12.01
N ARG B 185 18.06 -7.32 -11.23
CA ARG B 185 17.67 -7.29 -9.83
C ARG B 185 18.45 -6.26 -9.03
N HIS B 186 19.62 -5.86 -9.52
CA HIS B 186 20.43 -4.87 -8.82
C HIS B 186 19.92 -3.45 -9.06
N GLY B 187 19.32 -3.23 -10.22
CA GLY B 187 18.65 -1.96 -10.48
C GLY B 187 17.50 -1.74 -9.50
N LEU B 188 16.66 -2.76 -9.37
CA LEU B 188 15.57 -2.75 -8.40
C LEU B 188 16.07 -2.59 -6.97
N ALA B 189 17.00 -3.45 -6.57
CA ALA B 189 17.54 -3.43 -5.21
C ALA B 189 18.15 -2.07 -4.90
N GLY B 190 18.93 -1.53 -5.84
CA GLY B 190 19.55 -0.23 -5.66
C GLY B 190 18.53 0.88 -5.54
N SER B 191 17.49 0.81 -6.37
CA SER B 191 16.46 1.85 -6.39
C SER B 191 15.60 1.82 -5.12
N PHE B 192 15.21 0.62 -4.67
CA PHE B 192 14.55 0.43 -3.38
C PHE B 192 15.31 1.10 -2.23
N ALA B 193 16.63 1.11 -2.30
CA ALA B 193 17.43 1.69 -1.22
C ALA B 193 17.35 3.22 -1.24
N ALA B 194 17.41 3.79 -2.45
CA ALA B 194 17.23 5.23 -2.61
C ALA B 194 15.90 5.63 -1.98
N VAL B 195 14.85 4.90 -2.34
CA VAL B 195 13.51 5.12 -1.81
C VAL B 195 13.48 4.96 -0.29
N ARG B 196 14.03 3.87 0.19
CA ARG B 196 14.08 3.58 1.62
C ARG B 196 14.61 4.74 2.45
N ASP B 197 15.69 5.36 1.98
CA ASP B 197 16.37 6.40 2.76
C ASP B 197 15.71 7.77 2.63
N THR B 198 14.63 7.84 1.89
CA THR B 198 14.05 9.14 1.56
C THR B 198 12.93 9.61 2.48
N ASP B 199 13.12 10.78 3.08
CA ASP B 199 12.02 11.51 3.70
C ASP B 199 12.16 13.02 3.45
N LEU B 200 11.50 13.52 2.42
CA LEU B 200 11.63 14.92 2.04
C LEU B 200 10.58 15.84 2.68
N ARG B 201 9.63 15.26 3.40
CA ARG B 201 8.47 16.00 3.90
C ARG B 201 8.81 17.36 4.53
N ALA B 202 9.77 17.38 5.45
CA ALA B 202 10.10 18.60 6.18
C ALA B 202 10.87 19.61 5.34
N GLN B 203 11.27 19.22 4.14
CA GLN B 203 12.11 20.05 3.29
C GLN B 203 11.32 20.68 2.15
N LEU B 204 10.15 20.13 1.85
CA LEU B 204 9.38 20.60 0.71
C LEU B 204 9.14 22.12 0.73
N ALA B 205 8.86 22.66 1.91
CA ALA B 205 8.55 24.09 2.07
C ALA B 205 9.62 25.00 1.46
N ARG B 206 10.79 24.44 1.16
CA ARG B 206 11.89 25.23 0.62
C ARG B 206 11.82 25.38 -0.88
N ILE B 207 11.12 24.46 -1.55
CA ILE B 207 11.03 24.48 -3.00
C ILE B 207 10.38 25.76 -3.52
N GLU B 208 11.02 26.39 -4.50
CA GLU B 208 10.51 27.62 -5.10
C GLU B 208 10.34 27.53 -6.62
N ARG B 209 10.32 26.30 -7.14
CA ARG B 209 9.96 26.08 -8.54
C ARG B 209 8.44 25.92 -8.65
N PRO B 210 7.85 26.42 -9.74
CA PRO B 210 6.42 26.16 -9.95
C PRO B 210 6.21 24.66 -10.06
N THR B 211 5.29 24.13 -9.27
CA THR B 211 5.09 22.70 -9.20
C THR B 211 3.66 22.27 -9.49
N LEU B 212 3.49 21.32 -10.40
CA LEU B 212 2.22 20.63 -10.59
C LEU B 212 2.35 19.20 -10.05
N VAL B 213 1.38 18.79 -9.23
CA VAL B 213 1.34 17.42 -8.71
C VAL B 213 0.14 16.68 -9.28
N ILE B 214 0.41 15.55 -9.93
CA ILE B 214 -0.63 14.66 -10.42
C ILE B 214 -0.72 13.43 -9.52
N ALA B 215 -1.92 13.10 -9.08
CA ALA B 215 -2.11 11.95 -8.18
C ALA B 215 -3.22 11.03 -8.67
N GLY B 216 -3.15 9.76 -8.28
CA GLY B 216 -4.14 8.78 -8.66
C GLY B 216 -4.99 8.46 -7.46
N ALA B 217 -6.31 8.57 -7.60
CA ALA B 217 -7.21 8.36 -6.47
C ALA B 217 -7.10 6.96 -5.89
N TYR B 218 -6.76 5.99 -6.74
CA TYR B 218 -6.74 4.59 -6.31
C TYR B 218 -5.31 4.00 -6.19
N ASP B 219 -4.34 4.89 -6.04
CA ASP B 219 -2.93 4.52 -6.02
C ASP B 219 -2.58 3.95 -4.66
N THR B 220 -2.07 2.71 -4.65
CA THR B 220 -1.57 2.06 -3.42
C THR B 220 -0.06 2.14 -3.27
N VAL B 221 0.65 2.28 -4.38
CA VAL B 221 2.09 2.52 -4.33
C VAL B 221 2.37 3.90 -3.73
N THR B 222 1.99 4.96 -4.45
CA THR B 222 2.10 6.32 -3.97
C THR B 222 0.70 6.88 -3.77
N ALA B 223 0.19 6.75 -2.54
CA ALA B 223 -1.19 7.10 -2.22
C ALA B 223 -1.54 8.54 -2.60
N ALA B 224 -2.79 8.76 -2.96
CA ALA B 224 -3.23 10.12 -3.28
C ALA B 224 -2.83 11.10 -2.17
N SER B 225 -3.03 10.73 -0.92
CA SER B 225 -2.72 11.64 0.19
C SER B 225 -1.25 12.08 0.18
N HIS B 226 -0.38 11.23 -0.36
CA HIS B 226 1.05 11.55 -0.48
C HIS B 226 1.27 12.76 -1.37
N GLY B 227 0.61 12.74 -2.52
CA GLY B 227 0.78 13.84 -3.46
C GLY B 227 0.04 15.08 -2.97
N GLU B 228 -1.06 14.90 -2.25
CA GLU B 228 -1.77 16.04 -1.65
C GLU B 228 -0.85 16.71 -0.65
N LEU B 229 -0.10 15.90 0.10
CA LEU B 229 0.81 16.44 1.10
C LEU B 229 1.89 17.26 0.43
N ILE B 230 2.35 16.82 -0.74
CA ILE B 230 3.33 17.57 -1.50
C ILE B 230 2.77 18.90 -2.01
N ALA B 231 1.62 18.86 -2.68
CA ALA B 231 0.99 20.07 -3.19
C ALA B 231 0.76 21.05 -2.05
N ALA B 232 0.24 20.55 -0.94
CA ALA B 232 -0.06 21.37 0.23
C ALA B 232 1.19 22.00 0.87
N SER B 233 2.36 21.46 0.55
CA SER B 233 3.58 21.86 1.24
C SER B 233 4.40 22.85 0.43
N ILE B 234 4.26 22.81 -0.89
CA ILE B 234 5.06 23.66 -1.76
C ILE B 234 4.28 24.94 -2.13
N ALA B 235 4.88 26.09 -1.84
CA ALA B 235 4.22 27.36 -2.10
C ALA B 235 3.82 27.45 -3.57
N GLY B 236 2.52 27.66 -3.81
CA GLY B 236 2.01 27.85 -5.16
C GLY B 236 1.83 26.60 -6.01
N ALA B 237 2.02 25.43 -5.39
CA ALA B 237 1.85 24.17 -6.11
C ALA B 237 0.38 23.92 -6.42
N ARG B 238 0.13 23.25 -7.54
CA ARG B 238 -1.21 22.81 -7.90
C ARG B 238 -1.34 21.29 -7.82
N LEU B 239 -2.57 20.82 -7.66
CA LEU B 239 -2.86 19.39 -7.60
C LEU B 239 -3.95 19.03 -8.62
N VAL B 240 -3.66 18.02 -9.43
CA VAL B 240 -4.64 17.41 -10.31
C VAL B 240 -4.82 15.96 -9.87
N THR B 241 -6.05 15.53 -9.64
CA THR B 241 -6.29 14.16 -9.21
C THR B 241 -7.10 13.39 -10.24
N LEU B 242 -6.53 12.32 -10.78
CA LEU B 242 -7.23 11.52 -11.77
C LEU B 242 -7.77 10.25 -11.12
N PRO B 243 -8.84 9.67 -11.70
CA PRO B 243 -9.37 8.43 -11.12
C PRO B 243 -8.51 7.24 -11.55
N ALA B 244 -7.20 7.38 -11.37
CA ALA B 244 -6.23 6.36 -11.77
C ALA B 244 -5.65 5.60 -10.59
N VAL B 245 -4.95 4.51 -10.91
CA VAL B 245 -4.17 3.76 -9.94
C VAL B 245 -2.75 4.33 -9.84
N HIS B 246 -1.79 3.83 -10.62
CA HIS B 246 -0.42 4.34 -10.45
C HIS B 246 0.27 4.93 -11.69
N LEU B 247 -0.01 4.37 -12.86
CA LEU B 247 0.58 4.91 -14.09
C LEU B 247 -0.50 5.74 -14.80
N SER B 248 -0.75 6.94 -14.28
CA SER B 248 -1.91 7.71 -14.73
C SER B 248 -1.77 8.18 -16.19
N ASN B 249 -0.53 8.34 -16.67
CA ASN B 249 -0.32 8.66 -18.08
C ASN B 249 -0.78 7.53 -18.98
N VAL B 250 -0.77 6.31 -18.46
CA VAL B 250 -1.21 5.15 -19.23
C VAL B 250 -2.74 5.06 -19.25
N GLU B 251 -3.35 5.27 -18.09
CA GLU B 251 -4.79 5.12 -17.96
C GLU B 251 -5.58 6.29 -18.59
N PHE B 252 -5.06 7.50 -18.44
CA PHE B 252 -5.76 8.69 -18.92
C PHE B 252 -4.79 9.62 -19.60
N PRO B 253 -4.33 9.25 -20.79
CA PRO B 253 -3.30 10.04 -21.49
C PRO B 253 -3.78 11.46 -21.84
N GLN B 254 -5.05 11.63 -22.23
CA GLN B 254 -5.54 12.96 -22.61
C GLN B 254 -5.53 13.92 -21.41
N ALA B 255 -6.15 13.50 -20.30
CA ALA B 255 -6.15 14.34 -19.10
C ALA B 255 -4.73 14.61 -18.62
N PHE B 256 -3.87 13.60 -18.73
CA PHE B 256 -2.50 13.69 -18.23
C PHE B 256 -1.66 14.64 -19.07
N GLU B 257 -1.69 14.46 -20.38
CA GLU B 257 -0.99 15.35 -21.30
C GLU B 257 -1.57 16.78 -21.21
N GLY B 258 -2.89 16.87 -21.11
CA GLY B 258 -3.55 18.16 -20.99
C GLY B 258 -3.05 18.89 -19.77
N ALA B 259 -3.06 18.19 -18.63
CA ALA B 259 -2.63 18.76 -17.36
C ALA B 259 -1.21 19.26 -17.45
N VAL B 260 -0.32 18.43 -18.02
CA VAL B 260 1.09 18.78 -18.16
C VAL B 260 1.30 19.97 -19.10
N LEU B 261 0.74 19.87 -20.31
CA LEU B 261 0.93 20.89 -21.33
C LEU B 261 0.38 22.27 -20.93
N SER B 262 -0.74 22.28 -20.22
CA SER B 262 -1.35 23.55 -19.83
C SER B 262 -0.51 24.21 -18.76
N PHE B 263 0.00 23.38 -17.85
CA PHE B 263 0.87 23.83 -16.79
C PHE B 263 2.18 24.42 -17.33
N LEU B 264 2.75 23.77 -18.34
CA LEU B 264 4.06 24.17 -18.85
C LEU B 264 3.99 25.33 -19.84
N GLY B 265 2.78 25.71 -20.21
CA GLY B 265 2.60 26.89 -21.03
C GLY B 265 2.41 26.56 -22.50
N ALA B 266 2.13 25.30 -22.78
CA ALA B 266 1.88 24.84 -24.14
C ALA B 266 0.38 24.76 -24.47
#